data_3V3Q
#
_entry.id   3V3Q
#
_cell.length_a   74.242
_cell.length_b   76.773
_cell.length_c   129.193
_cell.angle_alpha   90.00
_cell.angle_beta   90.00
_cell.angle_gamma   90.00
#
_symmetry.space_group_name_H-M   'P 21 21 21'
#
loop_
_entity.id
_entity.type
_entity.pdbx_description
1 polymer 'Nuclear receptor subfamily 4 group A member 1'
2 non-polymer 'ethyl (2,3,4-trimethoxy-6-octanoylphenyl)acetate'
3 non-polymer GLYCEROL
4 non-polymer 'SODIUM ION'
5 water water
#
_entity_poly.entity_id   1
_entity_poly.type   'polypeptide(L)'
_entity_poly.pdbx_seq_one_letter_code
;MSKPKQPPDASPANLLTSLVRAHLDSGPSTAKLDYSKFQELVLPHFGKEDAGDVQQFYDLLSGSLEVIRKWAEKIPGFAE
LSPADQDLLLESAFLELFILRLAYRSKPGEGKLIFCSGLVLHRLQCARGFGDWIDSILAFSRSLHSLLVDVPAFACLSAL
VLITDRHGLQEPRRVEELQNRIASCLKEHVAAVAGEPQPASCLSRLLGKLPELRTLCTQGLQRIFYLKLEDLVPPPPIID
KIFMDTLPFLEHHHHHH
;
_entity_poly.pdbx_strand_id   A,B
#
loop_
_chem_comp.id
_chem_comp.type
_chem_comp.name
_chem_comp.formula
GOL non-polymer GLYCEROL 'C3 H8 O3'
NA non-polymer 'SODIUM ION' 'Na 1'
TMY non-polymer 'ethyl (2,3,4-trimethoxy-6-octanoylphenyl)acetate' 'C21 H32 O6'
#
# COMPACT_ATOMS: atom_id res chain seq x y z
N ASP A 9 41.01 25.93 16.07
CA ASP A 9 40.22 24.76 15.57
C ASP A 9 40.89 24.08 14.34
N ALA A 10 41.89 23.20 14.52
CA ALA A 10 42.44 22.70 15.80
C ALA A 10 41.41 22.40 16.90
N PRO A 12 39.64 19.02 20.60
CA PRO A 12 39.46 17.56 20.78
C PRO A 12 38.47 16.88 19.78
N ALA A 13 38.86 15.70 19.29
CA ALA A 13 38.10 14.77 18.40
C ALA A 13 37.46 15.32 17.09
N ASN A 14 38.23 15.98 16.24
CA ASN A 14 37.60 16.92 15.30
C ASN A 14 36.46 16.53 14.32
N LEU A 15 36.62 15.48 13.50
CA LEU A 15 35.51 15.08 12.62
C LEU A 15 34.35 14.67 13.55
N LEU A 16 34.68 13.86 14.54
CA LEU A 16 33.70 13.41 15.49
C LEU A 16 32.98 14.59 16.10
N THR A 17 33.71 15.64 16.48
CA THR A 17 33.07 16.77 17.13
C THR A 17 32.03 17.43 16.19
N SER A 18 32.39 17.52 14.93
CA SER A 18 31.51 18.12 13.95
C SER A 18 30.25 17.23 13.82
N LEU A 19 30.44 15.91 13.71
CA LEU A 19 29.29 15.00 13.56
C LEU A 19 28.30 15.15 14.73
N VAL A 20 28.83 15.09 15.96
CA VAL A 20 28.02 15.27 17.15
C VAL A 20 27.33 16.61 17.09
N ARG A 21 28.08 17.64 16.71
CA ARG A 21 27.50 18.97 16.75
C ARG A 21 26.43 19.10 15.69
N ALA A 22 26.67 18.58 14.49
CA ALA A 22 25.60 18.48 13.46
C ALA A 22 24.40 17.68 14.02
N HIS A 23 24.66 16.57 14.67
CA HIS A 23 23.55 15.75 15.18
C HIS A 23 22.71 16.46 16.20
N LEU A 24 23.34 16.88 17.28
CA LEU A 24 22.68 17.64 18.33
C LEU A 24 21.91 18.90 17.89
N ASP A 25 22.42 19.68 16.93
CA ASP A 25 21.67 20.85 16.51
C ASP A 25 20.53 20.51 15.55
N SER A 26 20.35 19.22 15.20
CA SER A 26 19.31 18.85 14.21
C SER A 26 18.02 18.35 14.85
N GLY A 27 17.96 18.48 16.15
CA GLY A 27 16.88 17.91 16.93
C GLY A 27 16.69 18.67 18.23
N PRO A 28 15.60 18.38 18.96
CA PRO A 28 15.24 19.21 20.11
C PRO A 28 15.96 18.84 21.42
N SER A 29 16.23 19.85 22.23
CA SER A 29 16.75 19.62 23.58
C SER A 29 15.58 19.11 24.40
N THR A 30 15.86 18.30 25.42
CA THR A 30 14.89 18.01 26.44
C THR A 30 14.09 19.27 26.84
N ALA A 31 14.77 20.41 26.90
CA ALA A 31 14.14 21.70 27.20
C ALA A 31 13.24 22.28 26.09
N LYS A 32 13.52 21.95 24.83
CA LYS A 32 12.73 22.48 23.72
C LYS A 32 11.59 21.56 23.20
N LEU A 33 11.20 20.56 24.00
CA LEU A 33 10.07 19.65 23.66
C LEU A 33 8.71 20.31 23.75
N ASP A 34 7.91 20.07 22.73
CA ASP A 34 6.71 20.83 22.51
C ASP A 34 5.49 19.97 22.75
N TYR A 35 4.92 20.13 23.94
CA TYR A 35 3.79 19.34 24.41
C TYR A 35 2.43 19.95 24.05
N SER A 36 2.46 20.89 23.12
CA SER A 36 1.29 21.73 22.84
C SER A 36 0.18 20.99 22.12
N LYS A 37 0.50 19.88 21.45
CA LYS A 37 -0.55 19.16 20.74
C LYS A 37 -0.76 17.80 21.39
N PHE A 38 0.06 17.50 22.38
CA PHE A 38 0.06 16.17 22.99
C PHE A 38 -1.19 15.85 23.80
N GLN A 39 -1.76 14.68 23.55
CA GLN A 39 -2.86 14.17 24.35
C GLN A 39 -2.58 12.72 24.63
N GLU A 40 -2.56 12.39 25.94
CA GLU A 40 -2.28 11.03 26.38
C GLU A 40 -3.34 10.05 25.97
N LEU A 41 -4.54 10.53 25.66
CA LEU A 41 -5.61 9.66 25.17
C LEU A 41 -6.45 10.42 24.12
N VAL A 42 -6.38 9.92 22.90
CA VAL A 42 -7.26 10.28 21.81
C VAL A 42 -8.00 8.96 21.45
N LEU A 43 -9.24 9.12 20.97
CA LEU A 43 -10.06 7.98 20.58
C LEU A 43 -10.24 8.05 19.06
N PRO A 44 -9.30 7.44 18.31
CA PRO A 44 -9.41 7.62 16.87
C PRO A 44 -10.34 6.59 16.20
N HIS A 45 -10.89 6.97 15.06
CA HIS A 45 -11.52 6.01 14.16
C HIS A 45 -10.41 5.33 13.40
N PHE A 46 -10.01 4.13 13.83
CA PHE A 46 -8.94 3.36 13.14
C PHE A 46 -9.34 2.89 11.70
N GLY A 47 -8.38 2.89 10.78
CA GLY A 47 -8.58 2.44 9.39
C GLY A 47 -8.92 3.50 8.34
N LYS A 48 -8.95 4.75 8.75
CA LYS A 48 -9.46 5.87 7.97
C LYS A 48 -8.74 7.14 8.43
N GLU A 49 -9.01 8.24 7.74
CA GLU A 49 -8.22 9.43 7.94
C GLU A 49 -8.84 10.58 7.23
N ASP A 50 -8.73 11.76 7.84
CA ASP A 50 -9.26 13.00 7.25
C ASP A 50 -8.08 13.92 6.81
N ALA A 51 -8.40 15.09 6.23
CA ALA A 51 -7.36 15.92 5.62
C ALA A 51 -6.40 16.52 6.63
N GLY A 52 -6.82 16.77 7.85
CA GLY A 52 -5.88 17.33 8.84
C GLY A 52 -4.87 16.25 9.19
N ASP A 53 -5.34 15.00 9.38
CA ASP A 53 -4.42 13.88 9.57
C ASP A 53 -3.35 13.81 8.47
N VAL A 54 -3.79 13.89 7.20
CA VAL A 54 -2.88 13.56 6.10
C VAL A 54 -1.89 14.72 5.91
N GLN A 55 -2.41 15.94 6.13
CA GLN A 55 -1.59 17.11 6.03
C GLN A 55 -0.55 17.13 7.15
N GLN A 56 -0.93 16.81 8.37
CA GLN A 56 0.10 16.72 9.38
C GLN A 56 1.17 15.64 8.99
N PHE A 57 0.76 14.52 8.39
CA PHE A 57 1.69 13.45 8.07
C PHE A 57 2.70 14.00 7.09
N TYR A 58 2.23 14.60 5.98
CA TYR A 58 3.05 15.29 5.03
C TYR A 58 3.94 16.40 5.65
N ASP A 59 3.39 17.28 6.47
CA ASP A 59 4.22 18.30 7.07
C ASP A 59 5.36 17.71 7.89
N LEU A 60 5.05 16.66 8.62
CA LEU A 60 6.02 15.99 9.44
C LEU A 60 7.18 15.44 8.61
N LEU A 61 6.85 14.86 7.47
CA LEU A 61 7.82 14.42 6.49
C LEU A 61 8.65 15.56 5.88
N SER A 62 7.96 16.59 5.41
CA SER A 62 8.64 17.75 4.88
C SER A 62 9.57 18.46 5.86
N GLY A 63 9.08 18.76 7.04
CA GLY A 63 9.91 19.47 8.01
C GLY A 63 11.12 18.62 8.32
N SER A 64 10.92 17.30 8.33
CA SER A 64 12.03 16.42 8.64
C SER A 64 13.11 16.49 7.60
N LEU A 65 12.71 16.58 6.36
CA LEU A 65 13.64 16.69 5.27
C LEU A 65 14.35 18.05 5.25
N GLU A 66 13.70 19.12 5.71
CA GLU A 66 14.40 20.44 5.78
C GLU A 66 15.42 20.41 6.85
N VAL A 67 15.11 19.71 7.93
CA VAL A 67 16.02 19.56 8.99
C VAL A 67 17.17 18.58 8.61
N ILE A 68 16.87 17.52 7.87
CA ILE A 68 17.95 16.61 7.50
C ILE A 68 18.93 17.30 6.54
N ARG A 69 18.40 18.06 5.60
CA ARG A 69 19.19 19.01 4.76
C ARG A 69 20.17 19.92 5.54
N LYS A 70 19.70 20.67 6.54
CA LYS A 70 20.63 21.51 7.30
C LYS A 70 21.65 20.70 8.10
N TRP A 71 21.26 19.54 8.62
CA TRP A 71 22.22 18.67 9.29
C TRP A 71 23.28 18.17 8.31
N ALA A 72 22.88 17.73 7.14
CA ALA A 72 23.82 17.31 6.10
C ALA A 72 24.82 18.43 5.70
N GLU A 73 24.34 19.65 5.45
CA GLU A 73 25.24 20.80 5.20
C GLU A 73 26.38 20.92 6.24
N LYS A 74 26.16 20.35 7.45
CA LYS A 74 27.14 20.42 8.52
C LYS A 74 28.12 19.29 8.59
N ILE A 75 27.91 18.23 7.82
CA ILE A 75 28.90 17.17 7.79
C ILE A 75 30.10 17.66 6.97
N PRO A 76 31.33 17.66 7.55
CA PRO A 76 32.47 18.22 6.83
C PRO A 76 32.63 17.53 5.50
N GLY A 77 32.68 18.32 4.43
CA GLY A 77 32.84 17.71 3.07
C GLY A 77 31.54 17.65 2.30
N PHE A 78 30.42 17.42 2.95
CA PHE A 78 29.22 17.16 2.16
C PHE A 78 28.84 18.38 1.26
N ALA A 79 28.86 19.58 1.86
CA ALA A 79 28.38 20.77 1.15
C ALA A 79 29.25 21.09 -0.06
N GLU A 80 30.39 20.41 -0.21
CA GLU A 80 31.26 20.63 -1.37
C GLU A 80 31.04 19.56 -2.41
N LEU A 81 30.18 18.57 -2.11
CA LEU A 81 29.70 17.65 -3.22
C LEU A 81 28.92 18.44 -4.26
N SER A 82 28.87 17.97 -5.51
CA SER A 82 28.06 18.62 -6.53
C SER A 82 26.61 18.71 -6.06
N PRO A 83 25.91 19.77 -6.50
CA PRO A 83 24.54 19.98 -6.08
C PRO A 83 23.68 18.76 -6.34
N ALA A 84 23.80 18.20 -7.52
CA ALA A 84 23.03 17.02 -7.85
C ALA A 84 23.41 15.88 -6.94
N ASP A 85 24.69 15.77 -6.53
CA ASP A 85 25.07 14.66 -5.63
C ASP A 85 24.53 14.78 -4.21
N GLN A 86 24.56 16.01 -3.67
CA GLN A 86 23.96 16.33 -2.39
C GLN A 86 22.42 15.96 -2.41
N ASP A 87 21.70 16.44 -3.42
CA ASP A 87 20.29 16.10 -3.61
C ASP A 87 20.00 14.59 -3.61
N LEU A 88 20.81 13.88 -4.36
CA LEU A 88 20.56 12.49 -4.60
C LEU A 88 20.82 11.69 -3.33
N LEU A 89 21.88 12.04 -2.60
CA LEU A 89 22.18 11.33 -1.35
C LEU A 89 21.05 11.54 -0.36
N LEU A 90 20.63 12.80 -0.20
CA LEU A 90 19.60 13.27 0.70
C LEU A 90 18.25 12.63 0.37
N GLU A 91 17.82 12.76 -0.88
CA GLU A 91 16.57 12.13 -1.34
C GLU A 91 16.58 10.60 -1.15
N SER A 92 17.74 9.97 -1.37
CA SER A 92 17.83 8.53 -1.33
C SER A 92 17.86 7.97 0.06
N ALA A 93 18.34 8.78 1.02
CA ALA A 93 18.40 8.31 2.42
C ALA A 93 17.30 8.87 3.27
N PHE A 94 16.56 9.88 2.76
CA PHE A 94 15.58 10.56 3.61
C PHE A 94 14.69 9.61 4.44
N LEU A 95 14.08 8.63 3.80
CA LEU A 95 13.12 7.75 4.57
C LEU A 95 13.82 6.98 5.65
N GLU A 96 15.01 6.47 5.32
CA GLU A 96 15.84 5.76 6.27
C GLU A 96 16.20 6.67 7.45
N LEU A 97 16.53 7.93 7.14
CA LEU A 97 17.07 8.83 8.15
C LEU A 97 15.89 9.28 8.99
N PHE A 98 14.76 9.60 8.35
CA PHE A 98 13.58 10.02 9.07
C PHE A 98 13.23 8.90 10.09
N ILE A 99 13.20 7.64 9.66
CA ILE A 99 12.81 6.53 10.54
C ILE A 99 13.89 6.35 11.65
N LEU A 100 15.18 6.31 11.26
CA LEU A 100 16.26 6.05 12.25
C LEU A 100 16.32 7.14 13.30
N ARG A 101 16.27 8.39 12.91
CA ARG A 101 16.30 9.52 13.86
C ARG A 101 15.06 9.59 14.71
N LEU A 102 13.87 9.26 14.17
CA LEU A 102 12.66 9.34 14.99
C LEU A 102 12.63 8.25 16.07
N ALA A 103 13.03 7.05 15.68
CA ALA A 103 13.06 5.93 16.57
C ALA A 103 14.14 6.25 17.67
N TYR A 104 15.23 6.92 17.28
CA TYR A 104 16.32 7.10 18.23
C TYR A 104 15.88 8.07 19.27
N ARG A 105 15.16 9.16 18.96
CA ARG A 105 14.73 10.09 20.03
C ARG A 105 13.38 9.85 20.73
N SER A 106 12.58 8.95 20.17
CA SER A 106 11.28 8.60 20.74
C SER A 106 11.33 7.85 22.08
N LYS A 107 10.16 7.75 22.67
CA LYS A 107 10.00 7.22 24.00
C LYS A 107 8.93 6.13 23.90
N PRO A 108 9.33 4.92 23.47
CA PRO A 108 8.32 3.93 23.22
C PRO A 108 7.68 3.38 24.47
N GLY A 109 8.37 3.45 25.62
CA GLY A 109 7.86 3.05 26.93
C GLY A 109 6.69 3.96 27.34
N GLU A 110 6.54 5.11 26.68
CA GLU A 110 5.42 5.95 26.94
C GLU A 110 4.50 6.20 25.72
N GLY A 111 4.68 5.46 24.65
CA GLY A 111 3.93 5.69 23.37
C GLY A 111 4.12 7.05 22.74
N LYS A 112 5.29 7.60 22.97
CA LYS A 112 5.61 8.96 22.53
C LYS A 112 6.56 9.02 21.33
N LEU A 113 6.08 9.68 20.26
CA LEU A 113 6.85 9.97 19.07
C LEU A 113 7.29 11.39 19.25
N ILE A 114 8.56 11.64 18.93
CA ILE A 114 9.11 12.97 19.14
C ILE A 114 9.82 13.35 17.88
N PHE A 115 9.30 14.34 17.21
CA PHE A 115 9.75 14.70 15.93
C PHE A 115 10.89 15.72 16.03
N CYS A 116 11.52 16.05 14.91
CA CYS A 116 12.76 16.86 14.98
C CYS A 116 12.47 18.27 15.46
N SER A 117 11.28 18.78 15.13
CA SER A 117 10.85 20.13 15.50
C SER A 117 10.66 20.33 16.98
N GLY A 118 10.48 19.23 17.68
CA GLY A 118 10.23 19.25 19.11
C GLY A 118 8.84 18.72 19.40
N LEU A 119 7.98 18.67 18.38
CA LEU A 119 6.59 18.14 18.50
C LEU A 119 6.54 16.72 19.08
N VAL A 120 5.81 16.56 20.18
CA VAL A 120 5.55 15.31 20.81
C VAL A 120 4.11 14.95 20.50
N LEU A 121 3.93 13.71 20.09
CA LEU A 121 2.62 13.17 19.69
C LEU A 121 2.49 11.74 20.26
N HIS A 122 1.29 11.31 20.61
CA HIS A 122 1.14 9.95 21.15
C HIS A 122 0.87 9.07 19.98
N ARG A 123 1.32 7.82 20.07
CA ARG A 123 1.04 6.77 19.10
C ARG A 123 -0.43 6.84 18.60
N LEU A 124 -1.40 6.99 19.52
CA LEU A 124 -2.82 7.13 19.17
C LEU A 124 -3.13 8.29 18.24
N GLN A 125 -2.44 9.41 18.43
CA GLN A 125 -2.52 10.59 17.60
C GLN A 125 -1.90 10.40 16.23
N CYS A 126 -1.02 9.39 16.07
CA CYS A 126 -0.34 9.17 14.76
C CYS A 126 -1.02 8.08 13.94
N ALA A 127 -1.83 7.29 14.62
CA ALA A 127 -2.60 6.21 14.03
C ALA A 127 -3.25 6.62 12.72
N ARG A 128 -3.92 7.76 12.69
CA ARG A 128 -4.74 8.09 11.52
C ARG A 128 -3.93 8.51 10.28
N GLY A 129 -2.92 9.37 10.47
CA GLY A 129 -2.01 9.72 9.37
C GLY A 129 -1.11 8.60 8.85
N PHE A 130 -0.49 7.89 9.78
CA PHE A 130 0.69 7.08 9.48
C PHE A 130 0.28 5.64 9.28
N GLY A 131 -0.91 5.28 9.85
CA GLY A 131 -1.41 3.91 9.91
C GLY A 131 -0.55 3.04 10.79
N ASP A 132 -0.40 1.79 10.39
CA ASP A 132 0.36 0.80 11.17
C ASP A 132 1.83 1.18 11.34
N TRP A 133 2.37 1.85 10.32
CA TRP A 133 3.78 2.23 10.18
C TRP A 133 4.37 2.79 11.46
N ILE A 134 3.59 3.64 12.12
CA ILE A 134 4.07 4.33 13.30
C ILE A 134 4.27 3.35 14.47
N ASP A 135 3.37 2.35 14.52
CA ASP A 135 3.49 1.29 15.55
C ASP A 135 4.76 0.51 15.29
N SER A 136 5.00 0.15 14.02
CA SER A 136 6.19 -0.57 13.65
C SER A 136 7.43 0.31 13.93
N ILE A 137 7.35 1.63 13.69
CA ILE A 137 8.53 2.54 14.03
C ILE A 137 8.84 2.50 15.51
N LEU A 138 7.82 2.39 16.33
CA LEU A 138 8.05 2.36 17.77
C LEU A 138 8.63 1.06 18.24
N ALA A 139 8.31 -0.03 17.55
CA ALA A 139 8.99 -1.29 17.75
C ALA A 139 10.46 -1.21 17.45
N PHE A 140 10.78 -0.54 16.33
CA PHE A 140 12.15 -0.35 16.00
C PHE A 140 12.91 0.55 17.06
N SER A 141 12.25 1.61 17.52
CA SER A 141 12.70 2.40 18.66
C SER A 141 13.13 1.49 19.82
N ARG A 142 12.24 0.60 20.28
CA ARG A 142 12.59 -0.31 21.39
C ARG A 142 13.82 -1.18 20.97
N SER A 143 13.73 -1.71 19.76
CA SER A 143 14.79 -2.52 19.25
C SER A 143 16.12 -1.70 19.27
N LEU A 144 16.07 -0.46 18.79
CA LEU A 144 17.28 0.36 18.69
C LEU A 144 17.78 0.68 20.09
N HIS A 145 16.86 1.03 21.00
CA HIS A 145 17.21 1.57 22.31
C HIS A 145 17.88 0.52 23.13
N SER A 146 17.61 -0.74 22.81
CA SER A 146 18.15 -1.84 23.62
C SER A 146 19.63 -2.13 23.31
N LEU A 147 20.14 -1.60 22.20
CA LEU A 147 21.53 -1.70 21.84
C LEU A 147 22.38 -0.62 22.48
N LEU A 148 21.75 0.36 23.09
CA LEU A 148 22.49 1.38 23.83
C LEU A 148 23.59 2.03 22.99
N VAL A 149 23.19 2.56 21.84
CA VAL A 149 24.07 3.29 20.93
C VAL A 149 24.23 4.69 21.44
N ASP A 150 25.45 5.02 21.84
CA ASP A 150 25.71 6.30 22.44
C ASP A 150 25.67 7.37 21.33
N VAL A 151 25.57 8.63 21.73
CA VAL A 151 25.39 9.72 20.82
C VAL A 151 26.53 9.95 19.84
N PRO A 152 27.78 9.75 20.27
CA PRO A 152 28.76 9.89 19.19
C PRO A 152 28.72 8.71 18.16
N ALA A 153 28.34 7.49 18.59
CA ALA A 153 28.23 6.39 17.69
C ALA A 153 27.09 6.69 16.67
N PHE A 154 25.98 7.20 17.20
CA PHE A 154 24.83 7.55 16.38
C PHE A 154 25.11 8.70 15.41
N ALA A 155 25.83 9.71 15.86
CA ALA A 155 26.21 10.80 14.92
C ALA A 155 26.90 10.30 13.67
N CYS A 156 27.82 9.33 13.85
CA CYS A 156 28.59 8.67 12.77
C CYS A 156 27.75 7.72 11.90
N LEU A 157 27.02 6.83 12.56
CA LEU A 157 26.03 5.97 11.94
C LEU A 157 24.98 6.63 11.00
N SER A 158 24.24 7.63 11.47
CA SER A 158 23.26 8.32 10.63
C SER A 158 23.98 8.95 9.46
N ALA A 159 25.13 9.56 9.74
CA ALA A 159 25.90 10.21 8.67
C ALA A 159 26.34 9.19 7.62
N LEU A 160 26.69 7.99 8.04
CA LEU A 160 27.01 6.90 7.10
C LEU A 160 25.79 6.34 6.32
N VAL A 161 24.58 6.51 6.89
CA VAL A 161 23.32 6.13 6.12
C VAL A 161 23.15 7.02 4.90
N LEU A 162 23.46 8.28 5.09
CA LEU A 162 23.47 9.33 4.08
C LEU A 162 24.62 9.19 3.15
N ILE A 163 25.84 9.05 3.70
CA ILE A 163 27.04 9.09 2.85
C ILE A 163 27.42 7.67 2.41
N THR A 164 27.06 7.33 1.20
CA THR A 164 27.06 5.92 0.77
C THR A 164 26.88 5.91 -0.75
N ASP A 165 27.25 4.82 -1.38
CA ASP A 165 27.00 4.63 -2.81
C ASP A 165 25.50 4.80 -3.14
N ARG A 166 25.21 5.57 -4.19
CA ARG A 166 23.91 5.60 -4.83
C ARG A 166 24.10 5.53 -6.34
N HIS A 167 23.26 4.76 -7.02
CA HIS A 167 23.32 4.76 -8.47
C HIS A 167 23.03 6.17 -8.96
N GLY A 168 23.92 6.71 -9.82
CA GLY A 168 23.71 8.00 -10.45
C GLY A 168 24.51 9.13 -9.82
N LEU A 169 25.34 8.80 -8.86
CA LEU A 169 26.25 9.80 -8.30
C LEU A 169 27.14 10.30 -9.43
N GLN A 170 27.41 11.61 -9.49
CA GLN A 170 28.40 12.09 -10.45
C GLN A 170 29.80 11.83 -9.92
N GLU A 171 29.97 11.81 -8.59
CA GLU A 171 31.34 11.65 -8.08
C GLU A 171 31.39 10.59 -7.01
N PRO A 172 31.13 9.36 -7.43
CA PRO A 172 30.97 8.29 -6.43
C PRO A 172 32.23 8.13 -5.55
N ARG A 173 33.43 8.38 -6.11
CA ARG A 173 34.72 8.18 -5.32
C ARG A 173 34.90 9.21 -4.24
N ARG A 174 34.33 10.42 -4.43
CA ARG A 174 34.44 11.49 -3.38
C ARG A 174 33.47 11.13 -2.29
N VAL A 175 32.39 10.43 -2.64
CA VAL A 175 31.43 10.01 -1.62
C VAL A 175 32.08 8.87 -0.84
N GLU A 176 32.72 7.92 -1.54
CA GLU A 176 33.40 6.80 -0.85
C GLU A 176 34.59 7.27 0.05
N GLU A 177 35.38 8.22 -0.47
CA GLU A 177 36.37 8.93 0.33
C GLU A 177 35.78 9.45 1.65
N LEU A 178 34.62 10.11 1.57
CA LEU A 178 33.96 10.67 2.77
C LEU A 178 33.35 9.55 3.68
N GLN A 179 32.73 8.55 3.05
CA GLN A 179 32.40 7.30 3.73
C GLN A 179 33.61 6.68 4.51
N ASN A 180 34.81 6.66 3.90
CA ASN A 180 35.99 6.06 4.60
C ASN A 180 36.29 6.91 5.82
N ARG A 181 36.22 8.23 5.65
CA ARG A 181 36.53 9.23 6.72
C ARG A 181 35.67 9.03 7.97
N ILE A 182 34.37 8.79 7.75
CA ILE A 182 33.43 8.62 8.84
C ILE A 182 33.56 7.25 9.46
N ALA A 183 33.83 6.23 8.63
CA ALA A 183 34.08 4.86 9.20
C ALA A 183 35.33 4.84 10.14
N SER A 184 36.42 5.42 9.66
CA SER A 184 37.62 5.49 10.49
C SER A 184 37.29 6.27 11.74
N CYS A 185 36.50 7.34 11.56
CA CYS A 185 36.05 8.18 12.67
C CYS A 185 35.22 7.36 13.65
N LEU A 186 34.34 6.52 13.13
CA LEU A 186 33.52 5.73 14.06
C LEU A 186 34.38 4.72 14.82
N LYS A 187 35.35 4.12 14.10
CA LYS A 187 36.18 3.07 14.66
C LYS A 187 37.02 3.61 15.83
N GLU A 188 37.66 4.75 15.59
CA GLU A 188 38.37 5.44 16.66
C GLU A 188 37.48 5.59 17.88
N HIS A 189 36.25 6.13 17.71
CA HIS A 189 35.32 6.31 18.84
C HIS A 189 34.98 5.01 19.57
N VAL A 190 34.54 3.98 18.85
CA VAL A 190 34.17 2.73 19.54
C VAL A 190 35.37 2.05 20.21
N ALA A 191 36.58 2.31 19.71
CA ALA A 191 37.81 1.84 20.40
C ALA A 191 38.20 2.71 21.59
N ALA A 192 37.73 3.95 21.64
CA ALA A 192 38.07 4.86 22.74
C ALA A 192 37.16 4.62 23.93
N VAL A 193 36.02 3.97 23.66
CA VAL A 193 35.04 3.62 24.68
C VAL A 193 35.12 2.12 24.99
N ALA A 194 36.27 1.68 25.50
CA ALA A 194 36.46 0.29 25.98
C ALA A 194 35.85 -0.76 25.07
N PRO A 199 35.52 -9.99 16.41
CA PRO A 199 34.35 -10.83 16.65
C PRO A 199 33.05 -10.16 16.16
N ALA A 200 31.91 -10.81 16.33
CA ALA A 200 30.61 -10.18 16.14
C ALA A 200 30.30 -9.09 17.22
N SER A 201 30.36 -7.82 16.83
CA SER A 201 30.34 -6.72 17.80
C SER A 201 28.96 -6.01 17.97
N CYS A 202 28.91 -4.93 18.76
CA CYS A 202 27.71 -4.08 18.78
C CYS A 202 27.32 -3.72 17.34
N LEU A 203 28.32 -3.48 16.48
CA LEU A 203 28.06 -3.08 15.11
C LEU A 203 27.47 -4.26 14.33
N SER A 204 28.11 -5.42 14.40
CA SER A 204 27.47 -6.64 13.92
C SER A 204 26.01 -6.76 14.44
N ARG A 205 25.79 -6.49 15.74
CA ARG A 205 24.45 -6.64 16.33
C ARG A 205 23.53 -5.63 15.69
N LEU A 206 24.05 -4.42 15.53
CA LEU A 206 23.34 -3.32 14.94
C LEU A 206 23.00 -3.62 13.47
N LEU A 207 23.99 -4.06 12.70
CA LEU A 207 23.76 -4.47 11.31
C LEU A 207 22.61 -5.47 11.19
N GLY A 208 22.48 -6.35 12.19
CA GLY A 208 21.35 -7.27 12.34
C GLY A 208 19.96 -6.62 12.44
N LYS A 209 19.87 -5.34 12.80
CA LYS A 209 18.59 -4.65 12.82
C LYS A 209 18.30 -4.02 11.46
N LEU A 210 19.29 -3.90 10.60
CA LEU A 210 19.06 -3.38 9.24
C LEU A 210 17.81 -3.92 8.50
N PRO A 211 17.52 -5.24 8.52
CA PRO A 211 16.24 -5.70 7.85
C PRO A 211 14.98 -5.09 8.43
N GLU A 212 14.95 -4.88 9.73
CA GLU A 212 13.84 -4.13 10.30
C GLU A 212 13.71 -2.72 9.66
N LEU A 213 14.82 -1.98 9.59
CA LEU A 213 14.84 -0.62 9.04
C LEU A 213 14.42 -0.61 7.57
N ARG A 214 15.06 -1.46 6.79
CA ARG A 214 14.64 -1.79 5.41
C ARG A 214 13.11 -2.00 5.22
N THR A 215 12.51 -2.85 6.04
CA THR A 215 11.05 -3.07 5.99
C THR A 215 10.24 -1.84 6.36
N LEU A 216 10.80 -1.02 7.22
CA LEU A 216 10.06 0.12 7.67
C LEU A 216 10.04 1.16 6.57
N CYS A 217 11.10 1.18 5.76
CA CYS A 217 11.15 2.08 4.59
C CYS A 217 10.10 1.64 3.53
N THR A 218 10.11 0.36 3.16
CA THR A 218 9.04 -0.24 2.41
C THR A 218 7.69 0.20 3.01
N GLN A 219 7.43 -0.06 4.29
CA GLN A 219 6.14 0.33 4.88
C GLN A 219 5.85 1.83 4.73
N GLY A 220 6.89 2.66 4.71
CA GLY A 220 6.68 4.10 4.48
C GLY A 220 6.23 4.32 3.04
N LEU A 221 6.90 3.64 2.11
CA LEU A 221 6.57 3.82 0.71
C LEU A 221 5.11 3.38 0.47
N GLN A 222 4.66 2.34 1.19
CA GLN A 222 3.30 1.86 1.04
C GLN A 222 2.26 2.81 1.61
N ARG A 223 2.55 3.41 2.76
CA ARG A 223 1.64 4.36 3.34
C ARG A 223 1.46 5.54 2.40
N ILE A 224 2.55 6.05 1.83
CA ILE A 224 2.49 7.17 0.86
C ILE A 224 1.71 6.77 -0.42
N PHE A 225 1.98 5.59 -0.95
CA PHE A 225 1.16 5.11 -2.04
C PHE A 225 -0.33 5.19 -1.64
N TYR A 226 -0.66 4.66 -0.48
CA TYR A 226 -2.04 4.55 -0.09
C TYR A 226 -2.70 5.94 -0.05
N LEU A 227 -2.00 6.91 0.55
CA LEU A 227 -2.52 8.24 0.74
C LEU A 227 -2.60 8.97 -0.58
N LYS A 228 -1.73 8.65 -1.51
CA LYS A 228 -1.77 9.31 -2.82
C LYS A 228 -3.01 8.78 -3.56
N LEU A 229 -3.26 7.49 -3.38
CA LEU A 229 -4.37 6.81 -3.99
C LEU A 229 -5.62 7.53 -3.47
N GLU A 230 -5.64 7.74 -2.14
CA GLU A 230 -6.73 8.37 -1.44
C GLU A 230 -6.86 9.87 -1.74
N ASP A 231 -5.72 10.52 -1.91
CA ASP A 231 -5.66 11.86 -2.46
C ASP A 231 -6.51 12.90 -1.73
N LEU A 232 -6.61 12.84 -0.39
CA LEU A 232 -7.28 13.91 0.39
C LEU A 232 -6.67 15.26 0.21
N VAL A 233 -5.34 15.28 0.13
CA VAL A 233 -4.55 16.50 -0.09
C VAL A 233 -3.31 16.16 -0.91
N PRO A 234 -2.82 17.12 -1.72
CA PRO A 234 -1.64 16.77 -2.52
C PRO A 234 -0.38 16.57 -1.67
N PRO A 235 0.55 15.69 -2.09
CA PRO A 235 1.78 15.65 -1.27
C PRO A 235 2.75 16.79 -1.58
N PRO A 236 3.68 17.10 -0.65
CA PRO A 236 4.73 18.07 -0.96
C PRO A 236 5.51 17.50 -2.16
N PRO A 237 5.91 18.37 -3.11
CA PRO A 237 6.64 18.02 -4.34
C PRO A 237 7.88 17.20 -4.09
N ILE A 238 8.74 17.63 -3.14
CA ILE A 238 9.99 16.89 -2.91
C ILE A 238 9.71 15.50 -2.30
N ILE A 239 8.69 15.39 -1.48
CA ILE A 239 8.32 14.04 -0.94
C ILE A 239 7.76 13.15 -2.07
N ASP A 240 6.97 13.78 -2.91
CA ASP A 240 6.36 13.09 -4.04
C ASP A 240 7.46 12.67 -4.99
N LYS A 241 8.50 13.51 -5.17
CA LYS A 241 9.60 13.13 -6.06
C LYS A 241 10.42 11.94 -5.51
N ILE A 242 10.67 11.95 -4.18
CA ILE A 242 11.36 10.85 -3.49
C ILE A 242 10.59 9.53 -3.65
N PHE A 243 9.30 9.58 -3.37
CA PHE A 243 8.44 8.43 -3.60
C PHE A 243 8.60 7.95 -5.03
N MET A 244 8.45 8.85 -5.99
CA MET A 244 8.47 8.50 -7.41
C MET A 244 9.87 8.00 -7.83
N ASP A 245 10.95 8.65 -7.36
CA ASP A 245 12.34 8.27 -7.73
C ASP A 245 12.72 6.89 -7.24
N THR A 246 12.10 6.46 -6.13
CA THR A 246 12.48 5.20 -5.49
C THR A 246 11.81 3.98 -6.12
N LEU A 247 10.77 4.22 -6.94
CA LEU A 247 10.07 3.11 -7.57
C LEU A 247 10.94 2.57 -8.68
N PRO A 248 11.35 1.29 -8.58
CA PRO A 248 12.21 0.60 -9.55
C PRO A 248 11.52 0.27 -10.88
N PHE A 249 10.18 0.39 -10.94
CA PHE A 249 9.42 0.10 -12.16
C PHE A 249 9.13 1.32 -13.03
N LEU A 250 9.35 2.51 -12.48
CA LEU A 250 9.06 3.77 -13.21
C LEU A 250 10.11 4.07 -14.28
N PRO B 12 -38.48 -15.03 -18.29
CA PRO B 12 -38.54 -13.56 -18.30
C PRO B 12 -37.41 -12.87 -17.50
N ALA B 13 -37.11 -11.60 -17.81
CA ALA B 13 -37.54 -10.95 -19.05
C ALA B 13 -36.30 -10.86 -19.95
N ASN B 14 -36.40 -10.22 -21.12
CA ASN B 14 -35.30 -10.26 -22.11
C ASN B 14 -33.94 -9.63 -21.73
N LEU B 15 -33.93 -8.43 -21.15
CA LEU B 15 -32.67 -7.92 -20.53
C LEU B 15 -32.22 -8.83 -19.37
N LEU B 16 -33.15 -9.10 -18.43
CA LEU B 16 -32.85 -9.95 -17.26
C LEU B 16 -32.30 -11.33 -17.64
N THR B 17 -32.79 -11.92 -18.73
CA THR B 17 -32.41 -13.29 -19.14
C THR B 17 -31.07 -13.31 -19.86
N SER B 18 -30.81 -12.27 -20.65
CA SER B 18 -29.49 -12.15 -21.28
C SER B 18 -28.42 -11.98 -20.20
N LEU B 19 -28.68 -11.10 -19.25
CA LEU B 19 -27.70 -10.91 -18.14
C LEU B 19 -27.44 -12.23 -17.45
N VAL B 20 -28.53 -12.90 -17.02
CA VAL B 20 -28.45 -14.19 -16.30
C VAL B 20 -27.57 -15.15 -17.11
N ARG B 21 -27.90 -15.32 -18.39
CA ARG B 21 -27.11 -16.19 -19.29
C ARG B 21 -25.62 -15.75 -19.43
N ALA B 22 -25.37 -14.45 -19.52
CA ALA B 22 -24.00 -14.04 -19.67
C ALA B 22 -23.25 -14.37 -18.38
N HIS B 23 -23.85 -14.08 -17.24
CA HIS B 23 -23.29 -14.48 -15.93
C HIS B 23 -22.99 -15.98 -15.81
N LEU B 24 -24.01 -16.83 -15.88
CA LEU B 24 -23.78 -18.30 -15.81
C LEU B 24 -22.82 -18.89 -16.83
N ASP B 25 -22.79 -18.31 -18.02
CA ASP B 25 -21.86 -18.81 -19.03
C ASP B 25 -20.40 -18.41 -18.78
N SER B 26 -20.18 -17.41 -17.91
CA SER B 26 -18.80 -16.86 -17.64
C SER B 26 -18.07 -17.54 -16.51
N GLY B 27 -18.51 -18.74 -16.11
CA GLY B 27 -17.98 -19.42 -14.92
C GLY B 27 -18.25 -20.94 -14.87
N PRO B 28 -17.63 -21.64 -13.88
CA PRO B 28 -17.63 -23.11 -13.87
C PRO B 28 -18.93 -23.73 -13.36
N SER B 29 -19.38 -24.79 -14.01
CA SER B 29 -20.54 -25.52 -13.46
C SER B 29 -20.04 -26.25 -12.22
N THR B 30 -20.99 -26.70 -11.39
CA THR B 30 -20.65 -27.49 -10.22
C THR B 30 -19.83 -28.74 -10.62
N ALA B 31 -20.13 -29.36 -11.77
CA ALA B 31 -19.45 -30.59 -12.16
C ALA B 31 -18.00 -30.41 -12.70
N LYS B 32 -17.60 -29.19 -13.05
CA LYS B 32 -16.29 -28.94 -13.63
C LYS B 32 -15.30 -28.30 -12.66
N LEU B 33 -15.67 -28.28 -11.38
CA LEU B 33 -14.78 -27.81 -10.36
C LEU B 33 -13.55 -28.72 -10.29
N ASP B 34 -12.38 -28.10 -10.11
CA ASP B 34 -11.12 -28.80 -10.07
C ASP B 34 -10.48 -28.73 -8.67
N TYR B 35 -10.58 -29.83 -7.92
CA TYR B 35 -10.00 -29.93 -6.61
C TYR B 35 -8.60 -30.53 -6.58
N SER B 36 -8.02 -30.92 -7.72
CA SER B 36 -6.71 -31.59 -7.78
C SER B 36 -5.55 -30.79 -7.14
N LYS B 37 -5.79 -29.54 -6.72
CA LYS B 37 -4.74 -28.71 -6.20
C LYS B 37 -5.01 -28.31 -4.78
N PHE B 38 -6.25 -28.45 -4.36
CA PHE B 38 -6.71 -27.99 -3.08
C PHE B 38 -6.06 -28.76 -1.92
N GLN B 39 -5.46 -28.02 -1.00
CA GLN B 39 -4.82 -28.50 0.23
C GLN B 39 -5.25 -27.53 1.32
N GLU B 40 -6.05 -28.06 2.24
CA GLU B 40 -6.46 -27.41 3.47
C GLU B 40 -5.23 -27.32 4.38
N LEU B 41 -4.52 -28.40 4.55
CA LEU B 41 -3.25 -28.31 5.27
C LEU B 41 -2.16 -27.85 4.36
N VAL B 42 -1.49 -26.80 4.79
CA VAL B 42 -0.26 -26.32 4.20
C VAL B 42 0.46 -25.82 5.46
N LEU B 43 1.58 -25.11 5.29
CA LEU B 43 2.39 -24.62 6.39
C LEU B 43 3.08 -25.84 7.04
N PRO B 44 3.78 -25.65 8.16
CA PRO B 44 4.08 -24.41 8.85
C PRO B 44 5.26 -23.73 8.17
N HIS B 45 4.98 -22.66 7.46
CA HIS B 45 5.99 -21.96 6.67
C HIS B 45 5.52 -20.57 6.32
N PHE B 46 6.19 -19.98 5.33
CA PHE B 46 5.76 -18.78 4.63
C PHE B 46 6.42 -18.80 3.26
N GLY B 47 6.36 -17.68 2.55
CA GLY B 47 7.13 -17.51 1.32
C GLY B 47 8.57 -17.12 1.63
N LYS B 48 8.79 -16.03 2.40
CA LYS B 48 7.74 -15.14 2.94
C LYS B 48 6.90 -14.61 1.79
N GLU B 49 7.58 -14.32 0.67
CA GLU B 49 6.99 -14.39 -0.66
C GLU B 49 7.86 -15.31 -1.47
N ASP B 50 7.29 -16.39 -1.97
CA ASP B 50 8.00 -17.20 -2.94
C ASP B 50 7.49 -16.78 -4.31
N ALA B 51 8.36 -16.89 -5.32
CA ALA B 51 7.97 -16.68 -6.71
C ALA B 51 6.63 -17.36 -6.99
N GLY B 52 6.55 -18.65 -6.64
CA GLY B 52 5.36 -19.45 -6.88
C GLY B 52 4.08 -18.76 -6.45
N ASP B 53 4.03 -18.33 -5.19
CA ASP B 53 2.91 -17.56 -4.67
C ASP B 53 2.55 -16.38 -5.62
N VAL B 54 3.56 -15.59 -5.96
CA VAL B 54 3.39 -14.38 -6.73
C VAL B 54 2.95 -14.67 -8.16
N GLN B 55 3.59 -15.64 -8.79
CA GLN B 55 3.21 -16.05 -10.12
C GLN B 55 1.79 -16.62 -10.12
N GLN B 56 1.38 -17.33 -9.07
CA GLN B 56 -0.01 -17.78 -8.98
C GLN B 56 -1.04 -16.64 -8.82
N PHE B 57 -0.74 -15.76 -7.85
CA PHE B 57 -1.53 -14.56 -7.64
C PHE B 57 -1.77 -13.93 -9.00
N TYR B 58 -0.70 -13.62 -9.73
CA TYR B 58 -0.89 -12.99 -11.04
C TYR B 58 -1.66 -13.83 -12.07
N ASP B 59 -1.44 -15.15 -12.06
CA ASP B 59 -2.11 -16.07 -12.97
C ASP B 59 -3.62 -16.16 -12.66
N LEU B 60 -3.98 -16.22 -11.39
CA LEU B 60 -5.40 -16.15 -11.01
C LEU B 60 -6.01 -14.86 -11.57
N LEU B 61 -5.26 -13.75 -11.45
CA LEU B 61 -5.69 -12.45 -11.92
C LEU B 61 -5.93 -12.43 -13.48
N SER B 62 -4.88 -12.80 -14.21
CA SER B 62 -4.96 -12.85 -15.68
C SER B 62 -6.04 -13.79 -16.16
N GLY B 63 -6.19 -14.93 -15.50
CA GLY B 63 -7.20 -15.90 -15.90
C GLY B 63 -8.58 -15.30 -16.15
N SER B 64 -8.95 -14.30 -15.34
CA SER B 64 -10.31 -13.72 -15.30
C SER B 64 -10.60 -12.68 -16.35
N LEU B 65 -9.49 -12.19 -16.92
CA LEU B 65 -9.40 -11.11 -17.86
C LEU B 65 -10.18 -11.42 -19.09
N GLU B 66 -9.73 -12.47 -19.79
CA GLU B 66 -10.39 -12.97 -20.96
C GLU B 66 -11.81 -13.37 -20.64
N VAL B 67 -12.03 -13.92 -19.45
CA VAL B 67 -13.39 -14.28 -19.08
C VAL B 67 -14.36 -13.11 -18.83
N ILE B 68 -13.92 -12.09 -18.07
CA ILE B 68 -14.70 -10.91 -17.85
C ILE B 68 -14.88 -10.17 -19.17
N ARG B 69 -13.88 -10.20 -20.04
CA ARG B 69 -14.03 -9.50 -21.32
C ARG B 69 -15.13 -10.17 -22.23
N LYS B 70 -15.26 -11.50 -22.17
CA LYS B 70 -16.28 -12.16 -23.01
C LYS B 70 -17.62 -12.03 -22.36
N TRP B 71 -17.66 -12.05 -21.02
CA TRP B 71 -18.91 -11.77 -20.30
C TRP B 71 -19.49 -10.39 -20.66
N ALA B 72 -18.64 -9.38 -20.67
CA ALA B 72 -19.05 -8.00 -20.94
C ALA B 72 -19.71 -7.92 -22.33
N GLU B 73 -19.15 -8.61 -23.32
CA GLU B 73 -19.64 -8.62 -24.70
C GLU B 73 -21.05 -9.15 -24.85
N LYS B 74 -21.51 -9.95 -23.91
CA LYS B 74 -22.82 -10.51 -23.97
C LYS B 74 -23.82 -9.67 -23.25
N ILE B 75 -23.38 -8.57 -22.64
CA ILE B 75 -24.30 -7.66 -21.98
C ILE B 75 -24.95 -6.86 -23.09
N PRO B 76 -26.30 -6.96 -23.23
CA PRO B 76 -26.95 -6.18 -24.29
C PRO B 76 -26.59 -4.69 -24.13
N GLY B 77 -26.17 -4.08 -25.21
CA GLY B 77 -25.85 -2.68 -25.19
C GLY B 77 -24.39 -2.40 -25.03
N PHE B 78 -23.66 -3.28 -24.35
CA PHE B 78 -22.22 -3.03 -24.10
C PHE B 78 -21.46 -2.94 -25.41
N ALA B 79 -21.78 -3.82 -26.35
CA ALA B 79 -21.04 -3.77 -27.60
C ALA B 79 -21.42 -2.50 -28.38
N GLU B 80 -22.44 -1.79 -27.90
CA GLU B 80 -22.88 -0.58 -28.60
C GLU B 80 -22.26 0.72 -28.10
N LEU B 81 -21.37 0.65 -27.10
CA LEU B 81 -20.65 1.81 -26.55
C LEU B 81 -19.43 1.93 -27.42
N SER B 82 -18.86 3.13 -27.57
CA SER B 82 -17.61 3.30 -28.27
C SER B 82 -16.58 2.25 -27.82
N PRO B 83 -15.72 1.79 -28.74
CA PRO B 83 -14.66 0.88 -28.33
C PRO B 83 -13.73 1.49 -27.25
N ALA B 84 -13.43 2.78 -27.31
CA ALA B 84 -12.65 3.44 -26.21
C ALA B 84 -13.42 3.36 -24.85
N ASP B 85 -14.74 3.54 -24.91
CA ASP B 85 -15.53 3.46 -23.70
C ASP B 85 -15.61 2.05 -23.12
N GLN B 86 -15.64 1.05 -24.01
CA GLN B 86 -15.70 -0.36 -23.64
C GLN B 86 -14.40 -0.73 -22.97
N ASP B 87 -13.30 -0.30 -23.55
CA ASP B 87 -12.02 -0.65 -22.93
C ASP B 87 -11.76 0.08 -21.58
N LEU B 88 -12.22 1.35 -21.45
CA LEU B 88 -12.06 2.07 -20.18
C LEU B 88 -12.92 1.42 -19.06
N LEU B 89 -14.17 1.04 -19.39
CA LEU B 89 -15.06 0.44 -18.38
C LEU B 89 -14.48 -0.82 -17.91
N LEU B 90 -13.95 -1.62 -18.86
CA LEU B 90 -13.47 -2.96 -18.56
C LEU B 90 -12.21 -2.84 -17.67
N GLU B 91 -11.26 -2.02 -18.11
CA GLU B 91 -10.05 -1.76 -17.31
C GLU B 91 -10.29 -1.25 -15.91
N SER B 92 -11.18 -0.26 -15.81
CA SER B 92 -11.50 0.37 -14.54
C SER B 92 -12.31 -0.51 -13.58
N ALA B 93 -13.01 -1.53 -14.10
CA ALA B 93 -13.90 -2.37 -13.32
C ALA B 93 -13.20 -3.70 -13.05
N PHE B 94 -12.07 -3.92 -13.69
CA PHE B 94 -11.48 -5.25 -13.63
C PHE B 94 -11.28 -5.83 -12.23
N LEU B 95 -10.55 -5.13 -11.40
CA LEU B 95 -10.32 -5.60 -10.04
C LEU B 95 -11.62 -5.83 -9.27
N GLU B 96 -12.51 -4.84 -9.29
CA GLU B 96 -13.86 -5.01 -8.72
C GLU B 96 -14.63 -6.26 -9.25
N LEU B 97 -14.63 -6.48 -10.55
CA LEU B 97 -15.41 -7.62 -11.08
C LEU B 97 -14.75 -8.90 -10.64
N PHE B 98 -13.42 -8.92 -10.64
CA PHE B 98 -12.68 -10.05 -10.16
C PHE B 98 -13.02 -10.43 -8.70
N ILE B 99 -12.96 -9.45 -7.80
CA ILE B 99 -13.35 -9.64 -6.40
C ILE B 99 -14.84 -10.02 -6.26
N LEU B 100 -15.71 -9.31 -6.96
CA LEU B 100 -17.15 -9.53 -6.75
C LEU B 100 -17.51 -10.94 -7.18
N ARG B 101 -17.01 -11.37 -8.32
CA ARG B 101 -17.36 -12.68 -8.85
C ARG B 101 -16.70 -13.78 -8.06
N LEU B 102 -15.48 -13.55 -7.64
CA LEU B 102 -14.79 -14.50 -6.75
C LEU B 102 -15.58 -14.71 -5.43
N ALA B 103 -16.06 -13.60 -4.89
CA ALA B 103 -16.64 -13.58 -3.58
C ALA B 103 -17.97 -14.33 -3.59
N TYR B 104 -18.71 -14.13 -4.67
CA TYR B 104 -19.98 -14.79 -4.86
C TYR B 104 -19.76 -16.26 -5.13
N ARG B 105 -18.70 -16.61 -5.89
CA ARG B 105 -18.39 -17.99 -6.25
C ARG B 105 -17.81 -18.79 -5.07
N SER B 106 -17.12 -18.13 -4.15
CA SER B 106 -16.42 -18.87 -3.11
C SER B 106 -17.29 -19.30 -1.94
N LYS B 107 -16.65 -19.94 -0.96
CA LYS B 107 -17.39 -20.56 0.12
C LYS B 107 -16.57 -20.20 1.32
N PRO B 108 -16.86 -19.00 1.88
CA PRO B 108 -16.14 -18.39 3.00
C PRO B 108 -16.33 -19.17 4.31
N GLY B 109 -17.46 -19.88 4.46
CA GLY B 109 -17.66 -20.74 5.63
C GLY B 109 -16.54 -21.80 5.71
N GLU B 110 -16.21 -22.43 4.58
CA GLU B 110 -15.09 -23.41 4.52
C GLU B 110 -13.71 -22.88 4.13
N GLY B 111 -13.53 -21.59 3.97
CA GLY B 111 -12.22 -21.09 3.51
C GLY B 111 -11.94 -21.44 2.06
N LYS B 112 -12.96 -21.74 1.26
CA LYS B 112 -12.72 -22.17 -0.12
C LYS B 112 -12.82 -21.01 -1.07
N LEU B 113 -11.76 -20.75 -1.84
CA LEU B 113 -11.79 -19.84 -3.01
C LEU B 113 -12.00 -20.69 -4.24
N ILE B 114 -12.95 -20.29 -5.06
CA ILE B 114 -13.23 -20.95 -6.33
C ILE B 114 -13.10 -19.93 -7.43
N PHE B 115 -12.12 -20.17 -8.29
CA PHE B 115 -11.82 -19.23 -9.36
C PHE B 115 -12.65 -19.57 -10.59
N CYS B 116 -12.62 -18.71 -11.58
CA CYS B 116 -13.46 -18.83 -12.75
C CYS B 116 -13.07 -19.94 -13.68
N SER B 117 -11.80 -20.41 -13.64
CA SER B 117 -11.38 -21.61 -14.45
C SER B 117 -12.02 -22.89 -13.95
N GLY B 118 -12.56 -22.87 -12.73
CA GLY B 118 -13.01 -24.07 -12.02
C GLY B 118 -12.11 -24.42 -10.85
N LEU B 119 -10.85 -23.90 -10.89
CA LEU B 119 -9.82 -24.15 -9.85
C LEU B 119 -10.28 -23.84 -8.42
N VAL B 120 -10.20 -24.85 -7.55
CA VAL B 120 -10.47 -24.65 -6.10
C VAL B 120 -9.18 -24.68 -5.25
N LEU B 121 -9.05 -23.64 -4.44
CA LEU B 121 -7.87 -23.39 -3.60
C LEU B 121 -8.34 -23.01 -2.18
N HIS B 122 -7.54 -23.39 -1.21
CA HIS B 122 -7.84 -22.98 0.14
C HIS B 122 -7.27 -21.60 0.41
N ARG B 123 -7.94 -20.81 1.22
CA ARG B 123 -7.40 -19.51 1.70
CA ARG B 123 -7.40 -19.50 1.60
C ARG B 123 -5.89 -19.52 2.00
N LEU B 124 -5.45 -20.57 2.72
CA LEU B 124 -4.03 -20.74 3.16
C LEU B 124 -3.11 -21.03 1.99
N GLN B 125 -3.70 -21.46 0.89
CA GLN B 125 -2.92 -21.60 -0.32
C GLN B 125 -2.83 -20.22 -0.97
N CYS B 126 -3.81 -19.36 -0.72
CA CYS B 126 -3.80 -18.02 -1.33
C CYS B 126 -3.07 -16.95 -0.54
N ALA B 127 -2.79 -17.24 0.72
CA ALA B 127 -2.37 -16.21 1.67
C ALA B 127 -1.11 -15.52 1.23
N ARG B 128 -0.05 -16.30 1.02
CA ARG B 128 1.26 -15.71 0.69
C ARG B 128 1.23 -14.85 -0.56
N GLY B 129 0.46 -15.30 -1.55
CA GLY B 129 0.30 -14.55 -2.78
C GLY B 129 -0.50 -13.28 -2.57
N PHE B 130 -1.70 -13.40 -2.02
CA PHE B 130 -2.62 -12.26 -1.98
C PHE B 130 -2.34 -11.37 -0.80
N GLY B 131 -1.61 -11.90 0.19
CA GLY B 131 -1.41 -11.22 1.48
C GLY B 131 -2.75 -11.17 2.19
N ASP B 132 -2.84 -10.24 3.14
CA ASP B 132 -4.07 -10.13 3.92
CA ASP B 132 -4.04 -9.97 3.93
C ASP B 132 -5.27 -9.76 3.05
N TRP B 133 -5.03 -9.22 1.85
CA TRP B 133 -6.14 -8.97 0.94
C TRP B 133 -7.18 -10.12 0.90
N ILE B 134 -6.75 -11.39 0.88
CA ILE B 134 -7.62 -12.57 0.75
C ILE B 134 -8.64 -12.63 1.89
N ASP B 135 -8.18 -12.26 3.08
CA ASP B 135 -8.99 -12.07 4.28
C ASP B 135 -10.07 -11.01 4.12
N SER B 136 -9.71 -9.86 3.58
CA SER B 136 -10.69 -8.84 3.30
C SER B 136 -11.68 -9.36 2.31
N ILE B 137 -11.23 -10.08 1.28
CA ILE B 137 -12.15 -10.59 0.23
C ILE B 137 -13.14 -11.60 0.83
N LEU B 138 -12.59 -12.45 1.69
CA LEU B 138 -13.37 -13.42 2.43
C LEU B 138 -14.40 -12.81 3.32
N ALA B 139 -14.05 -11.71 3.98
CA ALA B 139 -15.04 -11.02 4.81
C ALA B 139 -16.21 -10.49 3.97
N PHE B 140 -15.87 -9.89 2.83
CA PHE B 140 -16.85 -9.35 1.90
C PHE B 140 -17.76 -10.45 1.33
N SER B 141 -17.15 -11.59 1.04
CA SER B 141 -17.84 -12.75 0.61
C SER B 141 -18.79 -13.30 1.70
N ARG B 142 -18.33 -13.34 2.96
CA ARG B 142 -19.22 -13.67 4.09
C ARG B 142 -20.39 -12.68 4.06
N SER B 143 -20.11 -11.38 4.01
CA SER B 143 -21.20 -10.41 4.01
C SER B 143 -22.13 -10.52 2.80
N LEU B 144 -21.57 -10.79 1.62
CA LEU B 144 -22.36 -10.94 0.36
C LEU B 144 -23.25 -12.17 0.55
N HIS B 145 -22.68 -13.26 1.04
CA HIS B 145 -23.48 -14.45 1.20
C HIS B 145 -24.66 -14.26 2.09
N SER B 146 -24.48 -13.54 3.20
CA SER B 146 -25.60 -13.46 4.09
C SER B 146 -26.71 -12.57 3.52
N LEU B 147 -26.41 -11.78 2.49
CA LEU B 147 -27.46 -11.05 1.80
C LEU B 147 -28.30 -12.03 0.97
N LEU B 148 -27.77 -13.24 0.77
CA LEU B 148 -28.49 -14.24 0.05
C LEU B 148 -29.01 -13.62 -1.22
N VAL B 149 -28.11 -13.19 -2.11
CA VAL B 149 -28.45 -12.56 -3.39
C VAL B 149 -28.69 -13.60 -4.51
N ASP B 150 -29.84 -13.57 -5.19
CA ASP B 150 -30.10 -14.63 -6.18
C ASP B 150 -29.33 -14.38 -7.44
N VAL B 151 -29.34 -15.37 -8.33
CA VAL B 151 -28.57 -15.25 -9.57
C VAL B 151 -28.92 -14.02 -10.46
N PRO B 152 -30.22 -13.77 -10.74
CA PRO B 152 -30.60 -12.60 -11.56
C PRO B 152 -30.24 -11.29 -10.90
N ALA B 153 -30.35 -11.23 -9.58
CA ALA B 153 -29.93 -10.02 -8.87
C ALA B 153 -28.45 -9.89 -9.01
N PHE B 154 -27.72 -11.00 -8.86
CA PHE B 154 -26.28 -10.92 -9.02
C PHE B 154 -25.90 -10.52 -10.44
N ALA B 155 -26.70 -10.96 -11.41
CA ALA B 155 -26.37 -10.79 -12.85
C ALA B 155 -26.42 -9.31 -13.17
N CYS B 156 -27.35 -8.62 -12.51
CA CYS B 156 -27.46 -7.17 -12.72
C CYS B 156 -26.34 -6.47 -11.91
N LEU B 157 -26.09 -6.92 -10.66
CA LEU B 157 -25.22 -6.19 -9.75
C LEU B 157 -23.86 -6.09 -10.38
N SER B 158 -23.33 -7.21 -10.93
CA SER B 158 -22.00 -7.24 -11.57
C SER B 158 -21.97 -6.39 -12.85
N ALA B 159 -23.08 -6.47 -13.61
CA ALA B 159 -23.21 -5.64 -14.82
C ALA B 159 -23.08 -4.16 -14.43
N LEU B 160 -23.75 -3.81 -13.33
CA LEU B 160 -23.74 -2.42 -12.84
C LEU B 160 -22.34 -2.02 -12.31
N VAL B 161 -21.48 -2.98 -11.94
CA VAL B 161 -20.09 -2.65 -11.50
C VAL B 161 -19.30 -2.17 -12.70
N LEU B 162 -19.53 -2.85 -13.83
CA LEU B 162 -18.91 -2.60 -15.14
C LEU B 162 -19.39 -1.30 -15.77
N ILE B 163 -20.71 -1.15 -15.83
CA ILE B 163 -21.34 -0.08 -16.59
C ILE B 163 -21.67 1.06 -15.61
N THR B 164 -20.75 2.02 -15.51
CA THR B 164 -20.75 2.99 -14.45
C THR B 164 -19.88 4.19 -14.87
N ASP B 165 -20.16 5.37 -14.36
CA ASP B 165 -19.40 6.54 -14.82
C ASP B 165 -17.90 6.39 -14.48
N ARG B 166 -17.09 6.74 -15.47
CA ARG B 166 -15.62 6.79 -15.33
C ARG B 166 -15.12 8.07 -16.00
N HIS B 167 -14.08 8.64 -15.42
CA HIS B 167 -13.38 9.81 -15.97
C HIS B 167 -12.86 9.45 -17.32
N GLY B 168 -12.94 10.35 -18.32
CA GLY B 168 -12.53 9.99 -19.70
C GLY B 168 -13.57 9.29 -20.60
N LEU B 169 -14.82 9.20 -20.16
CA LEU B 169 -15.81 8.52 -21.00
C LEU B 169 -16.07 9.45 -22.16
N GLN B 170 -16.35 8.89 -23.34
CA GLN B 170 -16.57 9.63 -24.56
C GLN B 170 -18.03 9.97 -24.62
N GLU B 171 -18.85 9.00 -24.21
CA GLU B 171 -20.29 9.13 -24.24
C GLU B 171 -20.86 8.79 -22.87
N PRO B 172 -20.49 9.59 -21.87
CA PRO B 172 -21.00 9.33 -20.52
C PRO B 172 -22.52 9.18 -20.43
N ARG B 173 -23.25 9.87 -21.29
CA ARG B 173 -24.70 9.79 -21.25
C ARG B 173 -25.23 8.42 -21.73
N ARG B 174 -24.51 7.81 -22.68
CA ARG B 174 -24.89 6.49 -23.21
C ARG B 174 -24.55 5.38 -22.22
N VAL B 175 -23.37 5.49 -21.58
CA VAL B 175 -23.04 4.64 -20.39
C VAL B 175 -24.12 4.76 -19.30
N GLU B 176 -24.56 6.00 -19.01
CA GLU B 176 -25.60 6.22 -18.01
CA GLU B 176 -25.62 6.23 -18.02
C GLU B 176 -26.98 5.66 -18.44
N GLU B 177 -27.38 5.78 -19.69
N GLU B 177 -27.32 5.79 -19.71
CA GLU B 177 -28.66 5.14 -20.08
CA GLU B 177 -28.54 5.18 -20.24
C GLU B 177 -28.56 3.63 -20.05
C GLU B 177 -28.47 3.72 -19.92
N LEU B 178 -27.40 3.08 -20.37
CA LEU B 178 -27.22 1.64 -20.27
C LEU B 178 -27.23 1.21 -18.81
N GLN B 179 -26.52 1.94 -17.96
CA GLN B 179 -26.63 1.64 -16.53
C GLN B 179 -28.09 1.75 -15.97
N ASN B 180 -28.80 2.84 -16.29
CA ASN B 180 -30.19 2.94 -15.86
C ASN B 180 -31.14 1.79 -16.31
N ARG B 181 -31.06 1.32 -17.56
CA ARG B 181 -31.77 0.07 -17.95
C ARG B 181 -31.45 -1.08 -17.01
N ILE B 182 -30.18 -1.21 -16.62
CA ILE B 182 -29.79 -2.34 -15.81
C ILE B 182 -30.29 -2.15 -14.39
N ALA B 183 -30.21 -0.93 -13.88
CA ALA B 183 -30.62 -0.73 -12.51
C ALA B 183 -32.14 -0.94 -12.43
N SER B 184 -32.86 -0.49 -13.47
CA SER B 184 -34.33 -0.70 -13.58
C SER B 184 -34.74 -2.17 -13.58
N CYS B 185 -34.04 -2.93 -14.41
CA CYS B 185 -34.20 -4.37 -14.44
C CYS B 185 -34.03 -4.97 -13.03
N LEU B 186 -33.01 -4.46 -12.32
CA LEU B 186 -32.64 -5.01 -10.99
C LEU B 186 -33.79 -4.71 -10.08
N LYS B 187 -34.02 -3.41 -9.86
CA LYS B 187 -35.14 -2.91 -9.08
C LYS B 187 -36.48 -3.65 -9.33
N GLU B 188 -36.91 -3.81 -10.57
CA GLU B 188 -38.17 -4.54 -10.73
C GLU B 188 -38.01 -6.04 -10.48
N HIS B 189 -36.81 -6.62 -10.63
CA HIS B 189 -36.61 -8.03 -10.25
C HIS B 189 -36.65 -8.28 -8.76
N VAL B 190 -36.05 -7.41 -7.97
CA VAL B 190 -36.08 -7.68 -6.53
C VAL B 190 -37.41 -7.25 -5.92
N ALA B 191 -38.18 -6.44 -6.65
CA ALA B 191 -39.59 -6.23 -6.30
C ALA B 191 -40.50 -7.37 -6.84
N ALA B 192 -40.04 -8.11 -7.85
CA ALA B 192 -40.80 -9.26 -8.41
C ALA B 192 -40.86 -10.45 -7.45
N VAL B 193 -39.96 -10.44 -6.47
CA VAL B 193 -40.12 -11.22 -5.25
C VAL B 193 -40.75 -10.23 -4.24
N ALA B 194 -42.08 -10.30 -4.09
CA ALA B 194 -42.89 -9.25 -3.41
C ALA B 194 -43.14 -9.41 -1.90
N GLY B 195 -43.69 -10.56 -1.48
CA GLY B 195 -43.93 -10.84 -0.07
C GLY B 195 -42.76 -11.65 0.49
N GLU B 196 -42.36 -11.40 1.74
CA GLU B 196 -42.80 -10.25 2.54
C GLU B 196 -42.13 -8.98 2.02
N PRO B 197 -40.77 -8.94 2.04
CA PRO B 197 -40.03 -7.76 1.60
C PRO B 197 -40.72 -6.79 0.60
N GLN B 198 -40.62 -7.03 -0.71
CA GLN B 198 -40.87 -6.00 -1.76
C GLN B 198 -40.20 -4.66 -1.37
N PRO B 199 -39.09 -4.71 -0.61
CA PRO B 199 -38.84 -3.57 0.27
C PRO B 199 -38.27 -2.31 -0.42
N ALA B 200 -37.21 -2.49 -1.23
CA ALA B 200 -36.27 -1.41 -1.55
C ALA B 200 -35.33 -1.23 -0.34
N SER B 201 -35.45 -2.15 0.61
CA SER B 201 -34.45 -2.34 1.64
C SER B 201 -33.45 -3.36 1.11
N CYS B 202 -33.95 -4.52 0.65
CA CYS B 202 -33.14 -5.49 -0.09
C CYS B 202 -32.24 -4.73 -1.05
N LEU B 203 -32.86 -3.86 -1.84
CA LEU B 203 -32.22 -3.12 -2.91
C LEU B 203 -31.10 -2.21 -2.41
N SER B 204 -31.40 -1.34 -1.47
CA SER B 204 -30.37 -0.44 -0.95
C SER B 204 -29.31 -1.21 -0.15
N ARG B 205 -29.63 -2.38 0.39
CA ARG B 205 -28.56 -3.25 0.92
C ARG B 205 -27.60 -3.85 -0.18
N LEU B 206 -28.14 -4.44 -1.24
CA LEU B 206 -27.27 -4.91 -2.29
C LEU B 206 -26.43 -3.75 -2.90
N LEU B 207 -27.04 -2.61 -3.18
CA LEU B 207 -26.31 -1.48 -3.73
C LEU B 207 -25.28 -0.89 -2.75
N GLY B 208 -25.53 -1.03 -1.45
CA GLY B 208 -24.54 -0.76 -0.43
C GLY B 208 -23.24 -1.54 -0.61
N LYS B 209 -23.28 -2.62 -1.38
CA LYS B 209 -22.07 -3.43 -1.58
C LYS B 209 -21.06 -2.86 -2.60
N LEU B 210 -21.46 -1.88 -3.39
CA LEU B 210 -20.56 -1.32 -4.37
C LEU B 210 -19.41 -0.46 -3.74
N PRO B 211 -19.73 0.53 -2.84
CA PRO B 211 -18.57 1.25 -2.26
C PRO B 211 -17.58 0.30 -1.56
N GLU B 212 -18.06 -0.59 -0.71
CA GLU B 212 -17.17 -1.56 -0.04
C GLU B 212 -16.27 -2.27 -1.05
N LEU B 213 -16.80 -2.52 -2.25
CA LEU B 213 -16.08 -3.21 -3.31
C LEU B 213 -14.96 -2.34 -3.82
N ARG B 214 -15.26 -1.06 -4.02
CA ARG B 214 -14.28 -0.09 -4.46
C ARG B 214 -13.17 0.04 -3.42
N THR B 215 -13.52 0.04 -2.14
CA THR B 215 -12.54 0.01 -1.09
C THR B 215 -11.68 -1.22 -1.15
N LEU B 216 -12.26 -2.33 -1.53
CA LEU B 216 -11.49 -3.60 -1.60
C LEU B 216 -10.53 -3.62 -2.76
N CYS B 217 -10.96 -3.04 -3.90
CA CYS B 217 -10.14 -2.85 -5.10
C CYS B 217 -8.86 -2.08 -4.70
N THR B 218 -9.00 -1.00 -3.92
CA THR B 218 -7.83 -0.22 -3.46
C THR B 218 -6.81 -1.08 -2.74
N GLN B 219 -7.28 -1.90 -1.80
CA GLN B 219 -6.47 -2.96 -1.20
C GLN B 219 -5.78 -3.88 -2.22
N GLY B 220 -6.47 -4.27 -3.31
CA GLY B 220 -5.85 -4.96 -4.45
C GLY B 220 -4.71 -4.17 -5.10
N LEU B 221 -4.96 -2.88 -5.34
CA LEU B 221 -3.91 -2.02 -5.94
C LEU B 221 -2.71 -1.92 -4.94
N GLN B 222 -3.04 -1.87 -3.66
CA GLN B 222 -2.00 -1.86 -2.63
C GLN B 222 -1.12 -3.11 -2.67
N ARG B 223 -1.74 -4.28 -2.80
CA ARG B 223 -0.98 -5.55 -2.92
C ARG B 223 -0.09 -5.56 -4.16
N ILE B 224 -0.64 -5.16 -5.32
CA ILE B 224 0.14 -5.07 -6.53
C ILE B 224 1.27 -4.04 -6.42
N PHE B 225 0.99 -2.85 -5.85
CA PHE B 225 2.08 -1.92 -5.59
C PHE B 225 3.14 -2.66 -4.76
N TYR B 226 2.75 -3.27 -3.67
CA TYR B 226 3.78 -3.90 -2.85
C TYR B 226 4.65 -4.91 -3.67
N LEU B 227 4.01 -5.69 -4.54
CA LEU B 227 4.70 -6.72 -5.27
C LEU B 227 5.51 -6.10 -6.38
N LYS B 228 5.06 -4.99 -6.93
CA LYS B 228 5.90 -4.36 -7.92
C LYS B 228 7.13 -3.81 -7.20
N LEU B 229 6.98 -3.45 -5.94
CA LEU B 229 8.07 -2.84 -5.18
C LEU B 229 9.19 -3.81 -4.94
N GLU B 230 8.82 -4.97 -4.47
CA GLU B 230 9.80 -5.99 -4.19
CA GLU B 230 9.68 -6.11 -4.21
C GLU B 230 10.37 -6.63 -5.47
N ASP B 231 9.59 -6.65 -6.54
CA ASP B 231 10.10 -7.06 -7.85
C ASP B 231 10.68 -8.48 -7.91
N LEU B 232 10.02 -9.46 -7.30
CA LEU B 232 10.43 -10.87 -7.47
C LEU B 232 10.01 -11.40 -8.82
N VAL B 233 8.81 -11.04 -9.22
CA VAL B 233 8.23 -11.49 -10.49
C VAL B 233 7.26 -10.42 -10.98
N PRO B 234 7.57 -9.83 -12.15
CA PRO B 234 6.86 -8.71 -12.75
C PRO B 234 5.43 -9.11 -13.08
N PRO B 235 4.51 -8.15 -13.07
CA PRO B 235 3.17 -8.55 -13.42
C PRO B 235 3.08 -8.75 -14.92
N PRO B 236 2.11 -9.55 -15.37
CA PRO B 236 1.84 -9.64 -16.80
C PRO B 236 1.47 -8.27 -17.31
N PRO B 237 1.88 -7.94 -18.54
CA PRO B 237 1.67 -6.57 -19.05
C PRO B 237 0.23 -5.99 -18.97
N ILE B 238 -0.80 -6.82 -19.17
CA ILE B 238 -2.18 -6.30 -19.11
C ILE B 238 -2.63 -5.92 -17.67
N ILE B 239 -2.16 -6.70 -16.68
CA ILE B 239 -2.43 -6.35 -15.27
C ILE B 239 -1.65 -5.05 -14.99
N ASP B 240 -0.35 -5.09 -15.19
CA ASP B 240 0.46 -3.90 -15.14
C ASP B 240 -0.23 -2.68 -15.79
N LYS B 241 -0.64 -2.81 -17.06
CA LYS B 241 -1.32 -1.68 -17.70
C LYS B 241 -2.53 -1.17 -16.90
N ILE B 242 -3.40 -2.10 -16.42
CA ILE B 242 -4.52 -1.74 -15.54
C ILE B 242 -4.01 -1.06 -14.27
N PHE B 243 -2.96 -1.63 -13.67
CA PHE B 243 -2.42 -0.96 -12.46
C PHE B 243 -2.05 0.47 -12.79
N MET B 244 -1.27 0.66 -13.85
CA MET B 244 -0.74 1.99 -14.11
C MET B 244 -1.82 2.88 -14.70
N ASP B 245 -2.74 2.33 -15.51
CA ASP B 245 -3.81 3.13 -16.16
C ASP B 245 -4.85 3.60 -15.19
N THR B 246 -4.86 3.00 -14.01
CA THR B 246 -5.96 3.23 -13.08
C THR B 246 -5.44 3.82 -11.78
N LEU B 247 -4.13 3.98 -11.66
CA LEU B 247 -3.54 4.72 -10.55
C LEU B 247 -3.65 6.17 -10.91
N PRO B 248 -4.53 6.91 -10.21
CA PRO B 248 -4.94 8.24 -10.67
C PRO B 248 -3.90 9.36 -10.59
N PHE B 249 -2.60 9.06 -10.64
CA PHE B 249 -1.60 10.14 -10.50
C PHE B 249 -0.46 10.24 -11.52
N GLU B 251 1.45 12.58 -13.67
CA GLU B 251 2.46 12.74 -14.71
C GLU B 251 3.21 11.44 -14.95
C1 TMY C . 14.46 4.24 1.59
C2 TMY C . 14.88 5.58 1.69
C3 TMY C . 14.32 6.54 0.81
C4 TMY C . 13.37 6.18 -0.14
C5 TMY C . 12.93 4.87 -0.24
C6 TMY C . 13.43 3.89 0.58
C13 TMY C . 14.93 3.11 2.41
C14 TMY C . 15.63 2.11 1.84
O15 TMY C . 15.95 2.22 0.54
O16 TMY C . 16.07 0.95 2.60
C17 TMY C . 15.13 -0.06 2.97
C18 TMY C . 14.25 -0.57 1.84
C19 TMY C . 12.90 2.49 0.36
C20 TMY C . 13.27 1.78 -0.92
C21 TMY C . 13.22 0.24 -0.93
C22 TMY C . 14.31 -0.26 -1.90
C23 TMY C . 14.15 0.30 -3.32
C24 TMY C . 15.36 1.11 -3.78
C25 TMY C . 15.13 1.77 -5.15
C26 TMY C . 15.97 3.02 -5.28
O27 TMY C . 12.17 1.98 1.18
O28 TMY C . 15.81 5.97 2.62
O29 TMY C . 14.66 7.86 0.87
O30 TMY C . 12.82 7.08 -0.98
C31 TMY C . 17.06 5.26 2.65
C32 TMY C . 13.67 8.69 1.44
C33 TMY C . 11.47 6.93 -1.40
C1 TMY D . 19.44 11.43 22.17
C2 TMY D . 20.43 12.38 22.29
C3 TMY D . 21.09 12.53 23.52
C4 TMY D . 20.76 11.69 24.61
C5 TMY D . 19.76 10.72 24.49
C6 TMY D . 19.07 10.55 23.30
C13 TMY D . 18.78 11.31 20.86
C14 TMY D . 17.79 12.08 20.47
O15 TMY D . 17.42 11.76 19.26
O16 TMY D . 17.13 13.13 21.30
C17 TMY D . 16.99 14.51 20.93
C18 TMY D . 15.61 15.01 21.17
C19 TMY D . 17.98 9.52 23.13
C20 TMY D . 18.19 8.36 22.20
C21 TMY D . 17.84 7.06 22.89
C22 TMY D . 19.06 6.41 23.52
C23 TMY D . 18.75 4.93 23.76
C24 TMY D . 19.79 4.02 23.14
C25 TMY D . 19.47 3.71 21.68
C26 TMY D . 20.56 2.89 21.02
O27 TMY D . 16.94 9.62 23.77
O28 TMY D . 20.70 13.13 21.17
O29 TMY D . 22.09 13.51 23.57
O30 TMY D . 21.38 11.77 25.84
C31 TMY D . 20.09 14.42 20.99
C32 TMY D . 21.92 14.77 24.22
C33 TMY D . 22.18 10.68 26.35
C1 GOL E . 24.84 0.73 7.31
O1 GOL E . 25.27 1.32 6.07
C2 GOL E . 24.44 1.90 8.20
O2 GOL E . 25.40 2.95 7.97
C3 GOL E . 24.44 1.53 9.70
O3 GOL E . 23.10 1.29 10.19
C1 GOL F . 19.32 14.96 16.99
O1 GOL F . 19.32 15.59 18.29
C2 GOL F . 17.90 14.66 16.60
O2 GOL F . 17.69 13.64 15.60
C3 GOL F . 17.30 14.24 17.91
O3 GOL F . 16.58 15.37 18.43
C1 GOL G . 35.16 14.15 0.21
O1 GOL G . 35.68 13.18 -0.66
C2 GOL G . 34.92 15.31 -0.72
O2 GOL G . 36.11 15.59 -1.54
C3 GOL G . 34.57 16.38 0.29
O3 GOL G . 33.77 17.37 -0.36
C1 GOL H . -20.47 -18.09 -12.73
O1 GOL H . -19.33 -18.39 -11.86
C2 GOL H . -21.74 -18.81 -12.28
O2 GOL H . -21.49 -20.19 -11.97
C3 GOL H . -22.22 -18.12 -11.01
O3 GOL H . -23.41 -18.63 -10.43
NA NA I . -13.93 -13.98 -13.08
#